data_9FIG
#
_entry.id   9FIG
#
_cell.length_a   48.476
_cell.length_b   80.904
_cell.length_c   100.504
_cell.angle_alpha   90.000
_cell.angle_beta   90.000
_cell.angle_gamma   90.000
#
_symmetry.space_group_name_H-M   'P 21 21 21'
#
loop_
_entity.id
_entity.type
_entity.pdbx_description
1 polymer 'arginine kinase'
2 water water
#
_entity_poly.entity_id   1
_entity_poly.type   'polypeptide(L)'
_entity_poly.pdbx_seq_one_letter_code
;TMVDQAVMDKLDAGFKKLQAANECHSLLKKHLTKDIYDQLKCKKTDMGATLLDVVQSGMENLDSGVGIYAPDAQAYKTFS
ALFDPIIDDYHKGFKPTDKHPKTDFGDLNYFVNVDPKNEYVISTRVRCGRSLQGYPFNPMLTEAQYKEMEDKVKAQLATF
DGELKGTYYPLLGMDKATQQKLIDDHFLFKEGDRFLQAANACRYWPVGRGIFHNDKKTFLMWVNEEDHLRIISMQKGGDL
KEVYGRLVKAVQHIEKKIPFSRDDRLGFLTFCPTNLGTTIRASVHIKLPKLAADRKKLEEVAARYNLQVRGTAGEHTESV
GGVYDISNKRRMGLTEFQAVKEMQDGILELIKIEKSL
;
_entity_poly.pdbx_strand_id   A
#
# COMPACT_ATOMS: atom_id res chain seq x y z
N THR A 1 7.16 4.24 -28.87
CA THR A 1 6.21 3.58 -29.82
C THR A 1 6.33 2.07 -29.66
N MET A 2 5.23 1.45 -29.17
CA MET A 2 5.15 0.00 -29.04
C MET A 2 4.89 -0.55 -30.46
N VAL A 3 5.83 -1.36 -30.99
CA VAL A 3 5.75 -1.78 -32.37
C VAL A 3 5.66 -3.30 -32.48
N ASP A 4 5.46 -3.99 -31.35
CA ASP A 4 5.48 -5.45 -31.34
C ASP A 4 4.06 -5.94 -31.60
N GLN A 5 3.80 -6.42 -32.81
CA GLN A 5 2.42 -6.60 -33.25
C GLN A 5 1.84 -7.81 -32.50
N ALA A 6 2.67 -8.73 -32.04
CA ALA A 6 2.16 -9.89 -31.31
C ALA A 6 1.62 -9.48 -29.93
N VAL A 7 2.22 -8.42 -29.35
CA VAL A 7 1.67 -7.79 -28.16
C VAL A 7 0.35 -7.14 -28.49
N MET A 8 0.30 -6.40 -29.60
N MET A 8 0.32 -6.39 -29.59
CA MET A 8 -0.93 -5.71 -29.97
CA MET A 8 -0.89 -5.73 -30.03
C MET A 8 -2.04 -6.70 -30.26
C MET A 8 -2.03 -6.73 -30.20
N ASP A 9 -1.73 -7.91 -30.79
CA ASP A 9 -2.74 -8.91 -31.02
C ASP A 9 -3.28 -9.46 -29.72
N LYS A 10 -2.43 -9.60 -28.70
CA LYS A 10 -2.94 -10.05 -27.41
C LYS A 10 -3.81 -8.99 -26.76
N LEU A 11 -3.42 -7.72 -26.91
CA LEU A 11 -4.23 -6.62 -26.41
C LEU A 11 -5.58 -6.61 -27.09
N ASP A 12 -5.63 -6.78 -28.41
CA ASP A 12 -6.88 -6.76 -29.14
C ASP A 12 -7.80 -7.88 -28.63
N ALA A 13 -7.23 -9.08 -28.42
CA ALA A 13 -8.03 -10.20 -27.96
C ALA A 13 -8.57 -9.94 -26.56
N GLY A 14 -7.73 -9.36 -25.72
CA GLY A 14 -8.12 -9.03 -24.36
C GLY A 14 -9.21 -7.97 -24.32
N PHE A 15 -9.06 -6.92 -25.14
CA PHE A 15 -10.05 -5.86 -25.23
C PHE A 15 -11.39 -6.43 -25.71
N LYS A 16 -11.38 -7.27 -26.75
CA LYS A 16 -12.61 -7.89 -27.21
C LYS A 16 -13.30 -8.70 -26.10
N LYS A 17 -12.51 -9.46 -25.34
CA LYS A 17 -13.00 -10.25 -24.23
C LYS A 17 -13.62 -9.34 -23.18
N LEU A 18 -12.90 -8.30 -22.78
CA LEU A 18 -13.42 -7.33 -21.82
C LEU A 18 -14.79 -6.83 -22.28
N GLN A 19 -14.87 -6.39 -23.54
CA GLN A 19 -16.09 -5.81 -24.07
C GLN A 19 -17.24 -6.81 -24.03
N ALA A 20 -16.96 -8.07 -24.35
CA ALA A 20 -17.98 -9.10 -24.48
C ALA A 20 -18.48 -9.55 -23.10
N ALA A 21 -17.76 -9.21 -22.04
CA ALA A 21 -18.02 -9.75 -20.70
C ALA A 21 -19.03 -8.85 -19.95
N ASN A 22 -20.31 -9.21 -20.04
CA ASN A 22 -21.36 -8.35 -19.51
C ASN A 22 -21.44 -8.46 -17.99
N GLU A 23 -20.97 -9.57 -17.41
CA GLU A 23 -20.96 -9.74 -15.96
C GLU A 23 -19.84 -8.92 -15.30
N CYS A 24 -18.83 -8.53 -16.09
CA CYS A 24 -17.65 -7.84 -15.58
C CYS A 24 -17.99 -6.40 -15.17
N HIS A 25 -17.61 -6.03 -13.95
CA HIS A 25 -17.80 -4.69 -13.43
C HIS A 25 -16.50 -4.09 -12.89
N SER A 26 -15.35 -4.45 -13.46
CA SER A 26 -14.09 -3.86 -13.03
C SER A 26 -13.99 -2.41 -13.47
N LEU A 27 -13.13 -1.65 -12.75
CA LEU A 27 -12.84 -0.29 -13.18
C LEU A 27 -12.14 -0.29 -14.52
N LEU A 28 -11.33 -1.32 -14.79
CA LEU A 28 -10.74 -1.46 -16.11
C LEU A 28 -11.82 -1.49 -17.19
N LYS A 29 -12.84 -2.35 -17.03
CA LYS A 29 -13.83 -2.46 -18.09
C LYS A 29 -14.60 -1.15 -18.24
N LYS A 30 -14.84 -0.51 -17.10
CA LYS A 30 -15.58 0.74 -17.08
C LYS A 30 -14.83 1.82 -17.83
N HIS A 31 -13.51 1.92 -17.61
CA HIS A 31 -12.80 3.11 -18.05
C HIS A 31 -11.93 2.90 -19.29
N LEU A 32 -11.66 1.64 -19.69
CA LEU A 32 -10.95 1.40 -20.94
C LEU A 32 -11.95 1.40 -22.09
N THR A 33 -12.23 2.62 -22.56
CA THR A 33 -13.10 2.81 -23.68
C THR A 33 -12.30 2.53 -24.96
N LYS A 34 -13.01 2.30 -26.06
CA LYS A 34 -12.35 2.07 -27.32
C LYS A 34 -11.42 3.23 -27.67
N ASP A 35 -11.86 4.47 -27.38
CA ASP A 35 -11.07 5.66 -27.66
C ASP A 35 -9.77 5.64 -26.85
N ILE A 36 -9.85 5.35 -25.55
CA ILE A 36 -8.64 5.31 -24.75
C ILE A 36 -7.74 4.13 -25.17
N TYR A 37 -8.32 2.96 -25.43
CA TYR A 37 -7.56 1.79 -25.86
C TYR A 37 -6.73 2.13 -27.09
N ASP A 38 -7.38 2.78 -28.07
CA ASP A 38 -6.71 3.09 -29.31
C ASP A 38 -5.61 4.14 -29.09
N GLN A 39 -5.80 5.07 -28.17
CA GLN A 39 -4.78 6.04 -27.84
C GLN A 39 -3.55 5.39 -27.19
N LEU A 40 -3.73 4.34 -26.37
CA LEU A 40 -2.66 3.83 -25.52
C LEU A 40 -1.99 2.56 -26.04
N LYS A 41 -2.64 1.85 -26.98
CA LYS A 41 -2.20 0.49 -27.28
C LYS A 41 -0.81 0.47 -27.91
N CYS A 42 -0.37 1.57 -28.51
CA CYS A 42 0.90 1.65 -29.21
C CYS A 42 1.99 2.31 -28.38
N LYS A 43 1.69 2.61 -27.11
CA LYS A 43 2.67 3.29 -26.27
C LYS A 43 3.47 2.31 -25.43
N LYS A 44 4.69 2.72 -25.04
CA LYS A 44 5.58 1.95 -24.17
C LYS A 44 6.36 2.91 -23.27
N THR A 45 6.67 2.50 -22.04
CA THR A 45 7.56 3.28 -21.18
C THR A 45 9.04 3.03 -21.52
N ASP A 46 9.93 3.85 -20.95
CA ASP A 46 11.36 3.74 -21.20
C ASP A 46 11.90 2.40 -20.70
N MET A 47 11.36 1.88 -19.60
CA MET A 47 11.82 0.63 -19.02
C MET A 47 11.18 -0.55 -19.75
N GLY A 48 10.35 -0.30 -20.80
CA GLY A 48 9.86 -1.27 -21.78
C GLY A 48 8.44 -1.82 -21.51
N ALA A 49 7.71 -1.17 -20.61
CA ALA A 49 6.37 -1.65 -20.28
C ALA A 49 5.36 -1.21 -21.33
N THR A 50 4.51 -2.14 -21.75
CA THR A 50 3.44 -1.89 -22.68
C THR A 50 2.09 -1.80 -21.99
N LEU A 51 1.04 -1.51 -22.74
CA LEU A 51 -0.28 -1.46 -22.15
C LEU A 51 -0.60 -2.86 -21.57
N LEU A 52 -0.10 -3.92 -22.21
CA LEU A 52 -0.43 -5.25 -21.72
C LEU A 52 0.14 -5.46 -20.33
N ASP A 53 1.27 -4.84 -20.00
CA ASP A 53 1.88 -4.93 -18.68
C ASP A 53 1.08 -4.17 -17.60
N VAL A 54 0.15 -3.32 -18.03
CA VAL A 54 -0.80 -2.63 -17.18
C VAL A 54 -2.11 -3.41 -17.00
N VAL A 55 -2.67 -3.92 -18.11
CA VAL A 55 -4.08 -4.38 -18.12
C VAL A 55 -4.22 -5.92 -18.06
N GLN A 56 -3.14 -6.67 -18.18
CA GLN A 56 -3.30 -8.10 -18.43
C GLN A 56 -4.03 -8.80 -17.26
N SER A 57 -3.78 -8.39 -16.01
CA SER A 57 -4.41 -9.09 -14.89
C SER A 57 -5.94 -8.92 -14.93
N GLY A 58 -6.42 -7.72 -15.24
CA GLY A 58 -7.87 -7.51 -15.30
C GLY A 58 -8.52 -8.16 -16.52
N MET A 59 -7.76 -8.39 -17.60
CA MET A 59 -8.26 -9.12 -18.73
C MET A 59 -8.35 -10.61 -18.44
N GLU A 60 -7.46 -11.13 -17.59
CA GLU A 60 -7.50 -12.55 -17.29
C GLU A 60 -8.50 -12.81 -16.15
N ASN A 61 -8.57 -11.89 -15.20
CA ASN A 61 -9.43 -12.02 -14.03
C ASN A 61 -10.57 -11.01 -14.15
N LEU A 62 -11.66 -11.43 -14.80
CA LEU A 62 -12.73 -10.50 -15.08
C LEU A 62 -13.42 -10.04 -13.80
N ASP A 63 -13.22 -10.77 -12.69
CA ASP A 63 -13.87 -10.43 -11.44
C ASP A 63 -13.01 -9.47 -10.62
N SER A 64 -12.02 -8.83 -11.26
CA SER A 64 -11.19 -7.86 -10.56
C SER A 64 -12.03 -6.65 -10.14
N GLY A 65 -11.71 -6.10 -8.99
CA GLY A 65 -12.23 -4.81 -8.58
C GLY A 65 -11.71 -3.69 -9.48
N VAL A 66 -10.40 -3.52 -9.52
CA VAL A 66 -9.78 -2.44 -10.27
C VAL A 66 -9.34 -3.02 -11.62
N GLY A 67 -8.36 -3.93 -11.61
CA GLY A 67 -8.03 -4.67 -12.82
C GLY A 67 -6.80 -4.13 -13.58
N ILE A 68 -6.12 -3.12 -13.02
CA ILE A 68 -4.88 -2.62 -13.62
C ILE A 68 -3.85 -2.47 -12.52
N TYR A 69 -2.57 -2.53 -12.93
CA TYR A 69 -1.43 -2.34 -12.08
C TYR A 69 -0.42 -1.51 -12.82
N ALA A 70 0.46 -0.86 -12.06
CA ALA A 70 1.55 -0.11 -12.65
C ALA A 70 2.75 -1.03 -12.80
N PRO A 71 3.30 -1.15 -14.03
CA PRO A 71 4.49 -1.97 -14.20
C PRO A 71 5.78 -1.24 -13.88
N ASP A 72 5.73 0.10 -13.88
CA ASP A 72 6.87 0.93 -13.47
C ASP A 72 6.31 2.32 -13.14
N ALA A 73 7.17 3.20 -12.66
CA ALA A 73 6.71 4.51 -12.20
C ALA A 73 6.21 5.33 -13.38
N GLN A 74 6.88 5.19 -14.53
CA GLN A 74 6.55 5.97 -15.72
C GLN A 74 5.16 5.63 -16.28
N ALA A 75 4.65 4.43 -15.99
CA ALA A 75 3.40 3.98 -16.57
C ALA A 75 2.25 4.90 -16.18
N TYR A 76 2.32 5.54 -14.99
CA TYR A 76 1.29 6.47 -14.57
C TYR A 76 1.18 7.65 -15.53
N LYS A 77 2.27 8.02 -16.20
CA LYS A 77 2.25 9.12 -17.15
C LYS A 77 1.97 8.61 -18.55
N THR A 78 2.74 7.60 -18.98
CA THR A 78 2.58 7.09 -20.32
C THR A 78 1.11 6.68 -20.56
N PHE A 79 0.49 6.01 -19.57
CA PHE A 79 -0.88 5.51 -19.67
C PHE A 79 -1.86 6.28 -18.80
N SER A 80 -1.58 7.58 -18.60
CA SER A 80 -2.44 8.45 -17.80
C SER A 80 -3.88 8.50 -18.30
N ALA A 81 -4.16 8.30 -19.58
CA ALA A 81 -5.53 8.32 -20.06
C ALA A 81 -6.38 7.22 -19.43
N LEU A 82 -5.76 6.09 -19.01
CA LEU A 82 -6.45 5.05 -18.30
C LEU A 82 -6.28 5.24 -16.80
N PHE A 83 -5.04 5.46 -16.30
CA PHE A 83 -4.86 5.56 -14.86
C PHE A 83 -5.67 6.72 -14.26
N ASP A 84 -5.71 7.85 -14.95
CA ASP A 84 -6.31 9.04 -14.32
C ASP A 84 -7.80 8.83 -14.01
N PRO A 85 -8.66 8.36 -14.92
CA PRO A 85 -10.05 8.11 -14.54
C PRO A 85 -10.24 6.99 -13.54
N ILE A 86 -9.35 5.96 -13.52
CA ILE A 86 -9.47 4.92 -12.54
C ILE A 86 -9.10 5.49 -11.16
N ILE A 87 -8.00 6.26 -11.05
CA ILE A 87 -7.64 6.93 -9.80
C ILE A 87 -8.78 7.81 -9.28
N ASP A 88 -9.35 8.59 -10.17
CA ASP A 88 -10.47 9.45 -9.80
C ASP A 88 -11.62 8.64 -9.19
N ASP A 89 -11.95 7.53 -9.86
CA ASP A 89 -13.05 6.66 -9.44
C ASP A 89 -12.77 5.99 -8.10
N TYR A 90 -11.63 5.30 -7.98
CA TYR A 90 -11.32 4.55 -6.79
C TYR A 90 -11.21 5.48 -5.57
N HIS A 91 -10.51 6.62 -5.74
CA HIS A 91 -10.19 7.49 -4.61
C HIS A 91 -11.30 8.52 -4.35
N LYS A 92 -12.38 8.43 -5.13
CA LYS A 92 -13.62 9.18 -4.88
C LYS A 92 -13.35 10.67 -5.04
N GLY A 93 -12.83 11.06 -6.18
CA GLY A 93 -12.67 12.46 -6.50
C GLY A 93 -11.21 12.88 -6.36
N PHE A 94 -10.46 12.55 -7.40
CA PHE A 94 -9.09 13.01 -7.52
C PHE A 94 -8.91 13.18 -9.01
N LYS A 95 -9.19 14.39 -9.52
CA LYS A 95 -9.29 14.64 -10.93
C LYS A 95 -7.93 14.66 -11.62
N PRO A 96 -7.85 14.61 -12.96
CA PRO A 96 -6.57 14.62 -13.64
C PRO A 96 -5.66 15.82 -13.45
N THR A 97 -6.24 16.98 -13.06
CA THR A 97 -5.46 18.18 -12.80
C THR A 97 -5.27 18.36 -11.30
N ASP A 98 -5.88 17.50 -10.49
CA ASP A 98 -5.67 17.54 -9.06
C ASP A 98 -4.23 17.16 -8.75
N LYS A 99 -3.74 17.64 -7.60
CA LYS A 99 -2.37 17.41 -7.19
C LYS A 99 -2.33 17.03 -5.72
N HIS A 100 -1.60 15.97 -5.42
CA HIS A 100 -1.41 15.53 -4.04
C HIS A 100 -0.42 16.44 -3.34
N PRO A 101 -0.62 16.85 -2.07
CA PRO A 101 0.33 17.78 -1.45
C PRO A 101 1.72 17.17 -1.30
N LYS A 102 2.71 18.03 -1.16
CA LYS A 102 4.06 17.58 -0.83
C LYS A 102 4.08 16.81 0.50
N THR A 103 5.01 15.90 0.65
N THR A 103 5.01 15.88 0.64
CA THR A 103 5.07 15.12 1.87
CA THR A 103 5.17 15.10 1.86
C THR A 103 5.37 16.00 3.07
C THR A 103 5.34 16.03 3.07
N ASP A 104 4.67 15.68 4.17
CA ASP A 104 4.86 16.33 5.44
C ASP A 104 4.42 15.32 6.48
N PHE A 105 5.38 14.75 7.22
CA PHE A 105 5.01 13.93 8.37
C PHE A 105 4.56 14.77 9.53
N GLY A 106 4.84 16.07 9.51
CA GLY A 106 4.32 17.00 10.47
C GLY A 106 5.02 16.98 11.82
N ASP A 107 4.33 17.61 12.76
CA ASP A 107 4.81 17.76 14.12
C ASP A 107 4.51 16.49 14.91
N LEU A 108 5.56 15.73 15.16
CA LEU A 108 5.40 14.47 15.86
C LEU A 108 4.86 14.68 17.25
N ASN A 109 4.97 15.88 17.84
CA ASN A 109 4.48 16.13 19.19
C ASN A 109 2.99 16.49 19.24
N TYR A 110 2.31 16.56 18.10
CA TYR A 110 0.87 16.66 18.07
C TYR A 110 0.27 15.35 18.58
N PHE A 111 0.97 14.24 18.35
CA PHE A 111 0.41 12.93 18.62
C PHE A 111 0.55 12.59 20.09
N VAL A 112 -0.42 11.79 20.55
CA VAL A 112 -0.54 11.45 21.96
C VAL A 112 -0.77 9.94 22.11
N ASN A 113 -0.77 9.49 23.35
CA ASN A 113 -1.38 8.21 23.72
C ASN A 113 -2.87 8.47 23.83
N VAL A 114 -3.64 7.91 22.90
CA VAL A 114 -5.08 8.15 22.84
C VAL A 114 -5.87 7.36 23.89
N ASP A 115 -5.21 6.54 24.67
CA ASP A 115 -5.89 5.73 25.66
C ASP A 115 -4.91 5.47 26.78
N PRO A 116 -4.58 6.52 27.57
CA PRO A 116 -3.51 6.38 28.56
C PRO A 116 -3.73 5.32 29.65
N LYS A 117 -4.98 5.03 29.97
CA LYS A 117 -5.28 4.04 31.00
C LYS A 117 -5.64 2.69 30.40
N ASN A 118 -5.39 2.46 29.10
CA ASN A 118 -5.52 1.15 28.51
C ASN A 118 -6.95 0.60 28.66
N GLU A 119 -7.96 1.46 28.47
CA GLU A 119 -9.34 1.12 28.67
C GLU A 119 -10.08 0.65 27.41
N TYR A 120 -9.52 0.95 26.23
CA TYR A 120 -10.25 0.79 24.96
C TYR A 120 -9.41 0.19 23.85
N VAL A 121 -8.25 0.75 23.62
CA VAL A 121 -7.42 0.38 22.48
C VAL A 121 -6.58 -0.84 22.77
N ILE A 122 -6.83 -1.91 22.03
CA ILE A 122 -6.03 -3.12 22.15
C ILE A 122 -4.67 -2.96 21.48
N SER A 123 -4.61 -2.32 20.30
CA SER A 123 -3.37 -2.15 19.57
C SER A 123 -3.52 -1.02 18.57
N THR A 124 -2.37 -0.48 18.19
CA THR A 124 -2.26 0.63 17.27
C THR A 124 -1.23 0.25 16.21
N ARG A 125 -1.46 0.64 14.96
CA ARG A 125 -0.58 0.31 13.84
C ARG A 125 -0.60 1.48 12.85
N VAL A 126 0.55 1.75 12.26
CA VAL A 126 0.67 2.62 11.09
C VAL A 126 1.55 1.96 10.05
N ARG A 127 1.03 1.87 8.82
CA ARG A 127 1.73 1.23 7.71
C ARG A 127 1.91 2.22 6.58
N CYS A 128 3.04 2.11 5.87
CA CYS A 128 3.24 2.86 4.62
C CYS A 128 3.95 1.93 3.65
N GLY A 129 4.09 2.39 2.41
CA GLY A 129 4.76 1.65 1.36
C GLY A 129 5.67 2.58 0.58
N ARG A 130 6.67 2.02 -0.09
CA ARG A 130 7.54 2.81 -0.95
C ARG A 130 8.02 1.95 -2.11
N SER A 131 8.22 2.65 -3.22
CA SER A 131 8.98 2.14 -4.36
C SER A 131 10.33 2.85 -4.40
N LEU A 132 11.37 2.13 -4.84
CA LEU A 132 12.74 2.64 -4.87
C LEU A 132 13.00 3.27 -6.23
N GLN A 133 13.53 4.49 -6.22
CA GLN A 133 13.85 5.18 -7.47
C GLN A 133 14.82 4.35 -8.30
N GLY A 134 14.54 4.24 -9.61
CA GLY A 134 15.46 3.56 -10.49
C GLY A 134 15.12 2.12 -10.83
N TYR A 135 14.11 1.57 -10.20
CA TYR A 135 13.73 0.20 -10.45
C TYR A 135 12.31 0.13 -10.96
N PRO A 136 11.98 -0.78 -11.87
CA PRO A 136 10.60 -1.01 -12.24
C PRO A 136 9.84 -1.70 -11.11
N PHE A 137 8.54 -1.83 -11.27
CA PHE A 137 7.73 -2.52 -10.30
C PHE A 137 7.63 -4.00 -10.62
N ASN A 138 6.90 -4.76 -9.79
CA ASN A 138 6.90 -6.20 -9.91
C ASN A 138 6.69 -6.72 -11.32
N PRO A 139 5.79 -6.19 -12.15
CA PRO A 139 5.55 -6.79 -13.44
C PRO A 139 6.73 -6.77 -14.41
N MET A 140 7.73 -5.94 -14.16
CA MET A 140 8.90 -5.86 -15.03
C MET A 140 10.21 -6.26 -14.38
N LEU A 141 10.29 -6.43 -13.07
CA LEU A 141 11.56 -6.69 -12.42
C LEU A 141 12.16 -8.01 -12.91
N THR A 142 13.47 -8.00 -13.10
CA THR A 142 14.19 -9.23 -13.40
C THR A 142 14.73 -9.85 -12.11
N GLU A 143 15.17 -11.11 -12.19
CA GLU A 143 15.75 -11.75 -11.04
C GLU A 143 16.95 -10.96 -10.51
N ALA A 144 17.79 -10.46 -11.40
CA ALA A 144 18.97 -9.71 -11.00
C ALA A 144 18.56 -8.42 -10.29
N GLN A 145 17.49 -7.77 -10.73
CA GLN A 145 17.07 -6.55 -10.04
C GLN A 145 16.52 -6.87 -8.66
N TYR A 146 15.71 -7.94 -8.54
CA TYR A 146 15.21 -8.32 -7.22
C TYR A 146 16.39 -8.49 -6.24
N LYS A 147 17.43 -9.19 -6.68
CA LYS A 147 18.56 -9.48 -5.81
C LYS A 147 19.28 -8.20 -5.44
N GLU A 148 19.63 -7.40 -6.45
N GLU A 148 19.44 -7.29 -6.41
CA GLU A 148 20.48 -6.26 -6.20
CA GLU A 148 20.18 -6.04 -6.18
C GLU A 148 19.71 -5.31 -5.29
C GLU A 148 19.42 -5.16 -5.18
N MET A 149 18.40 -5.21 -5.50
N MET A 149 18.13 -5.00 -5.41
CA MET A 149 17.60 -4.30 -4.70
CA MET A 149 17.32 -4.17 -4.53
C MET A 149 17.49 -4.74 -3.24
C MET A 149 17.41 -4.72 -3.11
N GLU A 150 17.26 -6.03 -3.00
CA GLU A 150 17.24 -6.62 -1.68
C GLU A 150 18.58 -6.37 -0.97
N ASP A 151 19.70 -6.53 -1.67
CA ASP A 151 20.98 -6.30 -1.05
C ASP A 151 21.00 -4.89 -0.55
N LYS A 152 20.60 -3.95 -1.42
N LYS A 152 20.60 -3.92 -1.40
CA LYS A 152 20.69 -2.54 -1.05
CA LYS A 152 20.66 -2.51 -0.96
C LYS A 152 19.87 -2.23 0.21
C LYS A 152 19.86 -2.27 0.32
N VAL A 153 18.66 -2.83 0.33
CA VAL A 153 17.79 -2.63 1.46
C VAL A 153 18.38 -3.28 2.71
N LYS A 154 18.90 -4.48 2.57
CA LYS A 154 19.45 -5.18 3.73
C LYS A 154 20.56 -4.40 4.40
N ALA A 155 21.39 -3.76 3.57
CA ALA A 155 22.49 -2.96 4.08
C ALA A 155 22.02 -1.80 4.96
N GLN A 156 20.94 -1.16 4.56
CA GLN A 156 20.38 -0.07 5.36
C GLN A 156 19.69 -0.62 6.62
N LEU A 157 18.97 -1.73 6.51
CA LEU A 157 18.38 -2.30 7.71
C LEU A 157 19.44 -2.68 8.74
N ALA A 158 20.62 -3.12 8.27
CA ALA A 158 21.68 -3.51 9.18
C ALA A 158 22.24 -2.34 9.99
N THR A 159 21.98 -1.10 9.58
CA THR A 159 22.53 0.04 10.30
C THR A 159 21.44 0.78 11.06
N PHE A 160 20.25 0.21 11.21
CA PHE A 160 19.30 0.81 12.14
C PHE A 160 19.89 0.96 13.53
N ASP A 161 19.39 1.99 14.23
CA ASP A 161 19.81 2.29 15.58
C ASP A 161 19.11 1.37 16.58
N GLY A 162 19.36 1.55 17.85
CA GLY A 162 18.94 0.58 18.84
C GLY A 162 17.43 0.30 18.83
N GLU A 163 16.62 1.30 18.57
CA GLU A 163 15.20 1.16 18.62
C GLU A 163 14.65 0.25 17.51
N LEU A 164 15.35 0.24 16.41
CA LEU A 164 14.87 -0.41 15.18
C LEU A 164 15.71 -1.60 14.76
N LYS A 165 16.87 -1.81 15.37
CA LYS A 165 17.71 -2.89 14.94
C LYS A 165 16.99 -4.22 15.20
N GLY A 166 17.28 -5.21 14.36
CA GLY A 166 16.67 -6.50 14.50
C GLY A 166 17.20 -7.51 13.49
N THR A 167 16.31 -8.34 12.97
CA THR A 167 16.68 -9.50 12.19
C THR A 167 16.01 -9.44 10.83
N TYR A 168 16.81 -9.66 9.77
CA TYR A 168 16.32 -9.86 8.43
C TYR A 168 16.28 -11.36 8.11
N TYR A 169 15.14 -11.79 7.61
CA TYR A 169 14.92 -13.15 7.17
C TYR A 169 14.63 -13.20 5.68
N PRO A 170 15.55 -13.72 4.86
CA PRO A 170 15.18 -13.95 3.49
C PRO A 170 14.13 -15.04 3.37
N LEU A 171 13.22 -14.93 2.42
CA LEU A 171 12.37 -16.06 2.15
C LEU A 171 13.19 -17.20 1.51
N LEU A 172 14.23 -16.89 0.76
CA LEU A 172 15.04 -17.95 0.16
C LEU A 172 15.79 -18.67 1.28
N GLY A 173 15.60 -19.98 1.36
CA GLY A 173 16.35 -20.72 2.34
C GLY A 173 15.74 -20.73 3.74
N MET A 174 14.53 -20.18 3.92
CA MET A 174 13.93 -20.11 5.24
C MET A 174 13.51 -21.52 5.73
N ASP A 175 13.91 -21.88 6.95
N ASP A 175 13.90 -21.90 6.94
CA ASP A 175 13.57 -23.17 7.53
CA ASP A 175 13.54 -23.22 7.43
C ASP A 175 12.12 -23.20 8.00
C ASP A 175 12.18 -23.20 8.12
N LYS A 176 11.64 -24.42 8.24
CA LYS A 176 10.26 -24.62 8.58
C LYS A 176 9.90 -24.08 9.95
N ALA A 177 10.80 -24.14 10.93
CA ALA A 177 10.50 -23.71 12.28
C ALA A 177 10.46 -22.18 12.30
N THR A 178 11.35 -21.54 11.55
CA THR A 178 11.33 -20.08 11.44
C THR A 178 10.06 -19.63 10.76
N GLN A 179 9.68 -20.32 9.69
N GLN A 179 9.70 -20.32 9.66
CA GLN A 179 8.47 -19.96 8.99
CA GLN A 179 8.44 -20.03 8.96
C GLN A 179 7.25 -20.03 9.93
C GLN A 179 7.27 -20.02 9.94
N GLN A 180 7.14 -21.10 10.71
CA GLN A 180 6.00 -21.23 11.60
C GLN A 180 6.00 -20.13 12.66
N LYS A 181 7.16 -19.75 13.19
CA LYS A 181 7.20 -18.66 14.14
C LYS A 181 6.70 -17.36 13.52
N LEU A 182 7.10 -17.11 12.28
CA LEU A 182 6.70 -15.87 11.61
C LEU A 182 5.23 -15.91 11.23
N ILE A 183 4.70 -17.10 10.94
CA ILE A 183 3.27 -17.27 10.74
C ILE A 183 2.51 -16.94 12.04
N ASP A 184 3.02 -17.40 13.17
CA ASP A 184 2.36 -17.23 14.45
C ASP A 184 2.32 -15.73 14.78
N ASP A 185 3.36 -15.00 14.36
CA ASP A 185 3.48 -13.56 14.57
C ASP A 185 2.60 -12.77 13.61
N HIS A 186 2.07 -13.41 12.54
CA HIS A 186 1.40 -12.74 11.42
C HIS A 186 2.36 -11.89 10.62
N PHE A 187 3.63 -12.30 10.56
CA PHE A 187 4.68 -11.55 9.90
C PHE A 187 5.05 -12.15 8.53
N LEU A 188 4.63 -13.38 8.21
CA LEU A 188 5.03 -14.03 6.96
C LEU A 188 4.13 -13.55 5.82
N PHE A 189 4.74 -13.42 4.63
CA PHE A 189 3.99 -13.38 3.40
C PHE A 189 4.47 -14.53 2.52
N LYS A 190 3.65 -14.78 1.50
CA LYS A 190 3.85 -15.90 0.56
C LYS A 190 3.50 -15.43 -0.84
N GLU A 191 3.64 -16.33 -1.81
CA GLU A 191 3.32 -15.97 -3.19
C GLU A 191 1.87 -15.52 -3.28
N GLY A 192 1.65 -14.59 -4.20
CA GLY A 192 0.36 -13.96 -4.41
C GLY A 192 -0.66 -14.83 -5.14
N ASP A 193 -1.95 -14.45 -5.07
CA ASP A 193 -3.03 -15.17 -5.70
C ASP A 193 -3.10 -14.85 -7.20
N ARG A 194 -4.18 -15.26 -7.85
CA ARG A 194 -4.27 -15.27 -9.29
C ARG A 194 -4.22 -13.83 -9.82
N PHE A 195 -4.69 -12.86 -9.07
CA PHE A 195 -4.70 -11.48 -9.53
C PHE A 195 -3.26 -10.98 -9.68
N LEU A 196 -2.39 -11.34 -8.73
CA LEU A 196 -0.98 -10.98 -8.75
C LEU A 196 -0.23 -11.81 -9.79
N GLN A 197 -0.49 -13.10 -9.86
CA GLN A 197 0.20 -13.97 -10.80
C GLN A 197 -0.07 -13.49 -12.22
N ALA A 198 -1.31 -13.12 -12.54
CA ALA A 198 -1.67 -12.69 -13.88
C ALA A 198 -1.04 -11.34 -14.21
N ALA A 199 -0.66 -10.58 -13.22
CA ALA A 199 0.07 -9.33 -13.36
C ALA A 199 1.57 -9.55 -13.51
N ASN A 200 2.01 -10.81 -13.53
CA ASN A 200 3.44 -11.15 -13.51
C ASN A 200 4.13 -10.53 -12.32
N ALA A 201 3.44 -10.52 -11.15
CA ALA A 201 3.96 -9.80 -10.00
C ALA A 201 4.66 -10.66 -8.97
N CYS A 202 4.81 -11.95 -9.19
CA CYS A 202 5.48 -12.86 -8.29
C CYS A 202 6.54 -13.69 -9.03
N ARG A 203 7.15 -13.09 -10.03
CA ARG A 203 8.15 -13.82 -10.80
C ARG A 203 9.47 -13.93 -10.05
N TYR A 204 10.23 -14.96 -10.31
CA TYR A 204 11.56 -15.21 -9.74
C TYR A 204 11.46 -15.46 -8.22
N TRP A 205 10.34 -16.02 -7.80
CA TRP A 205 10.07 -16.18 -6.36
C TRP A 205 11.01 -17.22 -5.79
N PRO A 206 11.56 -17.09 -4.58
CA PRO A 206 11.48 -15.94 -3.69
C PRO A 206 12.70 -15.03 -3.71
N VAL A 207 13.43 -14.93 -4.82
CA VAL A 207 14.61 -14.10 -4.94
C VAL A 207 14.24 -12.63 -4.63
N GLY A 208 15.02 -12.07 -3.70
CA GLY A 208 14.84 -10.65 -3.39
C GLY A 208 13.75 -10.42 -2.36
N ARG A 209 13.04 -11.44 -1.88
CA ARG A 209 11.94 -11.29 -0.94
C ARG A 209 12.40 -11.56 0.48
N GLY A 210 11.95 -10.77 1.44
CA GLY A 210 12.38 -11.02 2.80
C GLY A 210 11.55 -10.19 3.76
N ILE A 211 11.74 -10.54 5.02
CA ILE A 211 11.03 -9.97 6.15
C ILE A 211 12.03 -9.44 7.16
N PHE A 212 11.76 -8.25 7.73
CA PHE A 212 12.57 -7.69 8.80
C PHE A 212 11.68 -7.37 9.99
N HIS A 213 12.16 -7.63 11.20
CA HIS A 213 11.51 -7.02 12.35
C HIS A 213 12.56 -6.54 13.34
N ASN A 214 12.19 -5.54 14.14
CA ASN A 214 13.09 -5.14 15.22
C ASN A 214 13.03 -6.14 16.35
N ASP A 215 13.99 -6.02 17.30
CA ASP A 215 14.09 -7.03 18.35
C ASP A 215 12.81 -7.16 19.18
N LYS A 216 12.13 -6.07 19.49
CA LYS A 216 10.92 -6.08 20.30
C LYS A 216 9.64 -6.35 19.49
N LYS A 217 9.76 -6.47 18.15
CA LYS A 217 8.65 -6.86 17.29
C LYS A 217 7.55 -5.80 17.34
N THR A 218 7.98 -4.55 17.32
CA THR A 218 7.11 -3.40 17.18
C THR A 218 7.30 -2.67 15.86
N PHE A 219 8.06 -3.32 14.96
CA PHE A 219 8.39 -2.78 13.63
C PHE A 219 8.61 -3.97 12.70
N LEU A 220 7.98 -3.88 11.52
CA LEU A 220 8.02 -4.96 10.54
C LEU A 220 8.20 -4.33 9.18
N MET A 221 9.01 -4.99 8.35
CA MET A 221 9.07 -4.64 6.95
C MET A 221 8.93 -5.89 6.11
N TRP A 222 8.30 -5.74 4.95
CA TRP A 222 8.28 -6.73 3.87
C TRP A 222 9.03 -6.11 2.72
N VAL A 223 9.92 -6.90 2.14
CA VAL A 223 10.72 -6.51 0.99
C VAL A 223 10.26 -7.32 -0.22
N ASN A 224 9.77 -6.63 -1.26
CA ASN A 224 9.37 -7.21 -2.55
C ASN A 224 8.19 -8.15 -2.44
N GLU A 225 7.21 -7.84 -1.58
CA GLU A 225 5.89 -8.42 -1.64
C GLU A 225 5.16 -7.63 -2.75
N GLU A 226 4.13 -6.84 -2.44
N GLU A 226 4.12 -6.88 -2.41
CA GLU A 226 3.39 -6.19 -3.52
CA GLU A 226 3.37 -6.14 -3.40
C GLU A 226 4.01 -4.86 -3.93
C GLU A 226 4.22 -4.98 -3.95
N ASP A 227 4.77 -4.20 -3.04
CA ASP A 227 5.64 -3.09 -3.43
C ASP A 227 7.08 -3.44 -3.05
N HIS A 228 8.02 -2.61 -3.46
CA HIS A 228 9.40 -2.79 -3.07
C HIS A 228 9.52 -2.88 -1.56
N LEU A 229 8.87 -1.94 -0.83
CA LEU A 229 8.90 -1.94 0.63
C LEU A 229 7.52 -1.71 1.17
N ARG A 230 7.15 -2.46 2.21
CA ARG A 230 6.00 -2.24 3.08
C ARG A 230 6.59 -2.09 4.46
N ILE A 231 6.22 -1.01 5.17
CA ILE A 231 6.86 -0.63 6.41
C ILE A 231 5.77 -0.40 7.44
N ILE A 232 5.83 -1.14 8.56
CA ILE A 232 4.74 -1.14 9.51
C ILE A 232 5.31 -0.96 10.91
N SER A 233 4.68 -0.09 11.68
CA SER A 233 5.00 0.12 13.08
C SER A 233 3.75 -0.24 13.88
N MET A 234 3.88 -0.98 15.00
CA MET A 234 2.70 -1.46 15.69
C MET A 234 3.08 -1.79 17.12
N GLN A 235 2.07 -1.69 18.00
CA GLN A 235 2.24 -2.17 19.37
C GLN A 235 0.90 -2.26 20.05
N LYS A 236 0.91 -2.99 21.17
CA LYS A 236 -0.25 -3.02 22.04
C LYS A 236 -0.46 -1.66 22.68
N GLY A 237 -1.74 -1.38 22.91
CA GLY A 237 -2.17 -0.13 23.53
C GLY A 237 -2.38 0.98 22.52
N GLY A 238 -2.51 2.20 23.02
CA GLY A 238 -2.93 3.35 22.23
C GLY A 238 -1.90 4.46 22.05
N ASP A 239 -0.60 4.14 22.18
CA ASP A 239 0.43 5.17 22.05
C ASP A 239 0.77 5.41 20.58
N LEU A 240 -0.12 6.17 19.96
CA LEU A 240 0.03 6.57 18.57
C LEU A 240 1.27 7.41 18.38
N LYS A 241 1.62 8.26 19.33
CA LYS A 241 2.83 9.06 19.23
C LYS A 241 4.02 8.17 19.02
N GLU A 242 4.15 7.13 19.84
N GLU A 242 4.16 7.14 19.87
CA GLU A 242 5.32 6.27 19.75
CA GLU A 242 5.28 6.23 19.80
C GLU A 242 5.29 5.48 18.43
C GLU A 242 5.28 5.48 18.46
N VAL A 243 4.12 4.97 18.06
CA VAL A 243 4.00 4.15 16.87
C VAL A 243 4.36 4.96 15.63
N TYR A 244 3.74 6.16 15.52
CA TYR A 244 4.01 6.96 14.33
C TYR A 244 5.43 7.45 14.31
N GLY A 245 6.00 7.85 15.45
CA GLY A 245 7.34 8.36 15.49
C GLY A 245 8.34 7.28 15.08
N ARG A 246 8.06 6.04 15.42
CA ARG A 246 8.96 4.97 15.08
C ARG A 246 8.93 4.73 13.58
N LEU A 247 7.75 4.84 12.96
CA LEU A 247 7.62 4.71 11.53
C LEU A 247 8.37 5.81 10.79
N VAL A 248 8.20 7.06 11.22
CA VAL A 248 8.87 8.17 10.58
C VAL A 248 10.39 8.04 10.69
N LYS A 249 10.87 7.62 11.86
CA LYS A 249 12.29 7.42 12.06
C LYS A 249 12.85 6.39 11.09
N ALA A 250 12.12 5.26 10.94
CA ALA A 250 12.62 4.19 10.13
C ALA A 250 12.68 4.60 8.68
N VAL A 251 11.64 5.27 8.20
CA VAL A 251 11.58 5.70 6.82
C VAL A 251 12.72 6.68 6.53
N GLN A 252 12.98 7.60 7.48
CA GLN A 252 14.05 8.56 7.31
C GLN A 252 15.43 7.88 7.20
N HIS A 253 15.66 6.84 7.99
CA HIS A 253 16.92 6.12 7.93
C HIS A 253 17.07 5.41 6.60
N ILE A 254 16.00 4.78 6.11
CA ILE A 254 16.09 4.11 4.82
C ILE A 254 16.42 5.10 3.73
N GLU A 255 15.70 6.21 3.74
CA GLU A 255 15.79 7.20 2.69
C GLU A 255 17.16 7.91 2.68
N LYS A 256 17.89 7.84 3.77
CA LYS A 256 19.19 8.49 3.82
C LYS A 256 20.07 8.00 2.69
N LYS A 257 19.94 6.71 2.35
CA LYS A 257 20.77 6.13 1.34
C LYS A 257 20.00 5.60 0.12
N ILE A 258 18.70 5.36 0.25
CA ILE A 258 17.89 4.79 -0.81
C ILE A 258 16.77 5.76 -1.21
N PRO A 259 16.90 6.48 -2.33
CA PRO A 259 15.79 7.35 -2.73
C PRO A 259 14.53 6.62 -3.14
N PHE A 260 13.38 7.24 -2.88
CA PHE A 260 12.07 6.70 -3.22
C PHE A 260 11.46 7.36 -4.44
N SER A 261 10.54 6.65 -5.08
N SER A 261 10.61 6.63 -5.15
CA SER A 261 9.82 7.11 -6.26
CA SER A 261 9.87 7.21 -6.26
C SER A 261 8.59 7.95 -5.88
C SER A 261 8.65 7.98 -5.74
N ARG A 262 8.64 9.27 -6.08
CA ARG A 262 7.57 10.15 -5.63
C ARG A 262 7.26 11.05 -6.78
N ASP A 263 5.99 11.27 -7.01
CA ASP A 263 5.52 12.09 -8.11
C ASP A 263 4.86 13.35 -7.59
N ASP A 264 5.05 14.48 -8.28
CA ASP A 264 4.42 15.67 -7.79
C ASP A 264 2.89 15.62 -7.78
N ARG A 265 2.29 14.95 -8.76
CA ARG A 265 0.85 14.88 -8.82
C ARG A 265 0.26 13.81 -7.93
N LEU A 266 0.91 12.64 -7.87
CA LEU A 266 0.28 11.47 -7.28
C LEU A 266 0.85 11.06 -5.94
N GLY A 267 1.92 11.68 -5.49
CA GLY A 267 2.56 11.24 -4.28
C GLY A 267 3.45 10.05 -4.51
N PHE A 268 3.53 9.18 -3.52
CA PHE A 268 4.41 8.02 -3.66
C PHE A 268 3.81 7.06 -4.64
N LEU A 269 4.64 6.60 -5.61
CA LEU A 269 4.14 5.72 -6.65
C LEU A 269 4.29 4.25 -6.25
N THR A 270 3.23 3.50 -6.50
CA THR A 270 3.05 2.14 -6.04
C THR A 270 2.64 1.26 -7.22
N PHE A 271 2.79 -0.04 -7.00
CA PHE A 271 2.37 -1.04 -7.93
C PHE A 271 0.86 -1.04 -8.18
N CYS A 272 0.08 -0.88 -7.10
N CYS A 272 0.11 -0.85 -7.08
CA CYS A 272 -1.36 -0.80 -7.24
CA CYS A 272 -1.34 -0.78 -7.07
C CYS A 272 -1.81 0.65 -7.06
C CYS A 272 -1.80 0.68 -7.04
N PRO A 273 -2.62 1.15 -7.99
CA PRO A 273 -3.10 2.54 -7.93
C PRO A 273 -4.01 2.83 -6.75
N THR A 274 -4.47 1.81 -6.04
CA THR A 274 -5.20 2.00 -4.80
C THR A 274 -4.33 2.56 -3.68
N ASN A 275 -2.98 2.46 -3.74
N ASN A 275 -3.01 2.57 -3.84
CA ASN A 275 -2.08 2.81 -2.64
CA ASN A 275 -2.14 2.79 -2.70
C ASN A 275 -1.14 3.99 -2.88
C ASN A 275 -1.26 4.05 -2.77
N LEU A 276 -1.54 4.89 -3.72
CA LEU A 276 -0.82 6.12 -4.02
C LEU A 276 -0.90 7.11 -2.88
N GLY A 277 -0.42 8.29 -3.14
CA GLY A 277 -0.59 9.39 -2.22
C GLY A 277 0.37 9.27 -1.06
N THR A 278 -0.21 9.24 0.18
CA THR A 278 0.56 9.07 1.37
C THR A 278 1.04 7.62 1.49
N THR A 279 0.27 6.69 0.91
CA THR A 279 0.41 5.26 1.16
C THR A 279 0.04 4.84 2.57
N ILE A 280 -0.38 5.78 3.40
CA ILE A 280 -0.52 5.50 4.83
C ILE A 280 -1.87 4.90 5.16
N ARG A 281 -1.80 3.86 5.98
CA ARG A 281 -2.97 3.36 6.70
C ARG A 281 -2.66 3.28 8.20
N ALA A 282 -3.31 4.14 8.98
CA ALA A 282 -3.26 4.12 10.45
C ALA A 282 -4.52 3.44 10.93
N SER A 283 -4.34 2.58 11.93
CA SER A 283 -5.47 1.81 12.45
C SER A 283 -5.31 1.51 13.93
N VAL A 284 -6.47 1.29 14.56
CA VAL A 284 -6.51 0.77 15.92
C VAL A 284 -7.45 -0.41 15.93
N HIS A 285 -7.13 -1.37 16.79
N HIS A 285 -7.17 -1.32 16.87
CA HIS A 285 -8.10 -2.35 17.21
CA HIS A 285 -8.02 -2.43 17.24
C HIS A 285 -8.59 -1.85 18.56
C HIS A 285 -8.59 -2.01 18.60
N ILE A 286 -9.89 -1.74 18.66
CA ILE A 286 -10.48 -1.03 19.81
C ILE A 286 -11.74 -1.72 20.24
N LYS A 287 -12.01 -1.73 21.55
CA LYS A 287 -13.17 -2.35 22.15
C LYS A 287 -14.10 -1.24 22.62
N LEU A 288 -15.28 -1.15 22.02
CA LEU A 288 -16.25 -0.10 22.30
C LEU A 288 -17.59 -0.78 22.56
N PRO A 289 -17.79 -1.38 23.75
CA PRO A 289 -18.97 -2.19 24.00
C PRO A 289 -20.28 -1.43 23.85
N LYS A 290 -20.31 -0.18 24.32
CA LYS A 290 -21.52 0.61 24.29
C LYS A 290 -21.79 1.13 22.89
N LEU A 291 -20.80 1.57 22.16
CA LEU A 291 -21.03 2.01 20.77
C LEU A 291 -21.40 0.85 19.88
N ALA A 292 -20.96 -0.35 20.23
CA ALA A 292 -21.37 -1.55 19.51
C ALA A 292 -22.87 -1.68 19.44
N ALA A 293 -23.59 -1.22 20.48
CA ALA A 293 -25.02 -1.38 20.53
C ALA A 293 -25.72 -0.30 19.70
N ASP A 294 -24.99 0.77 19.30
CA ASP A 294 -25.54 1.84 18.47
C ASP A 294 -24.65 2.00 17.25
N ARG A 295 -24.68 1.00 16.37
CA ARG A 295 -23.75 0.94 15.26
C ARG A 295 -23.91 2.16 14.36
N LYS A 296 -25.14 2.66 14.26
CA LYS A 296 -25.41 3.82 13.40
C LYS A 296 -24.60 5.04 13.85
N LYS A 297 -24.58 5.28 15.17
CA LYS A 297 -23.81 6.38 15.75
C LYS A 297 -22.31 6.15 15.58
N LEU A 298 -21.81 4.93 15.84
CA LEU A 298 -20.41 4.61 15.58
C LEU A 298 -20.01 4.94 14.14
N GLU A 299 -20.85 4.53 13.18
CA GLU A 299 -20.54 4.77 11.77
C GLU A 299 -20.62 6.26 11.44
N GLU A 300 -21.57 6.99 12.05
CA GLU A 300 -21.75 8.42 11.81
C GLU A 300 -20.51 9.20 12.28
N VAL A 301 -20.07 8.92 13.50
CA VAL A 301 -18.90 9.60 14.05
C VAL A 301 -17.64 9.25 13.25
N ALA A 302 -17.45 7.95 12.99
CA ALA A 302 -16.30 7.56 12.17
C ALA A 302 -16.27 8.35 10.86
N ALA A 303 -17.42 8.41 10.18
CA ALA A 303 -17.53 9.09 8.89
C ALA A 303 -17.13 10.56 8.97
N ARG A 304 -17.39 11.24 10.09
CA ARG A 304 -16.98 12.63 10.24
C ARG A 304 -15.45 12.79 10.17
N TYR A 305 -14.69 11.73 10.48
CA TYR A 305 -13.24 11.77 10.53
C TYR A 305 -12.64 10.97 9.38
N ASN A 306 -13.48 10.62 8.41
CA ASN A 306 -13.04 9.86 7.25
C ASN A 306 -12.35 8.58 7.70
N LEU A 307 -12.96 7.98 8.74
CA LEU A 307 -12.51 6.68 9.19
C LEU A 307 -13.49 5.60 8.80
N GLN A 308 -12.96 4.40 8.64
CA GLN A 308 -13.68 3.20 8.30
C GLN A 308 -13.74 2.29 9.53
N VAL A 309 -14.84 1.57 9.69
CA VAL A 309 -15.05 0.67 10.83
C VAL A 309 -15.32 -0.74 10.32
N ARG A 310 -14.54 -1.73 10.80
CA ARG A 310 -14.85 -3.12 10.48
C ARG A 310 -14.87 -3.96 11.75
N GLY A 311 -15.89 -4.81 11.91
CA GLY A 311 -15.99 -5.72 13.04
C GLY A 311 -14.90 -6.79 12.98
N THR A 312 -14.51 -7.33 14.16
CA THR A 312 -13.57 -8.45 14.25
C THR A 312 -14.23 -9.59 15.03
N GLY A 321 -17.94 -8.98 20.88
CA GLY A 321 -18.35 -7.99 21.90
C GLY A 321 -17.71 -6.63 21.66
N GLY A 322 -18.07 -6.01 20.54
CA GLY A 322 -17.74 -4.60 20.28
C GLY A 322 -16.27 -4.34 20.00
N VAL A 323 -15.57 -5.29 19.36
CA VAL A 323 -14.20 -5.09 18.93
C VAL A 323 -14.16 -4.72 17.45
N TYR A 324 -13.48 -3.61 17.16
CA TYR A 324 -13.43 -3.08 15.81
C TYR A 324 -12.03 -2.73 15.39
N ASP A 325 -11.79 -2.80 14.06
CA ASP A 325 -10.63 -2.24 13.43
C ASP A 325 -11.06 -0.92 12.77
N ILE A 326 -10.48 0.18 13.22
CA ILE A 326 -10.86 1.51 12.76
C ILE A 326 -9.64 2.15 12.10
N SER A 327 -9.81 2.56 10.83
CA SER A 327 -8.66 2.91 10.00
C SER A 327 -9.04 4.10 9.12
N ASN A 328 -8.02 4.83 8.64
N ASN A 328 -8.01 4.75 8.58
CA ASN A 328 -8.27 5.98 7.77
CA ASN A 328 -8.22 5.82 7.63
C ASN A 328 -8.51 5.51 6.33
C ASN A 328 -8.71 5.27 6.31
N LYS A 329 -9.56 6.07 5.70
CA LYS A 329 -10.00 5.78 4.34
C LYS A 329 -9.15 6.53 3.32
N ARG A 330 -8.67 7.73 3.65
CA ARG A 330 -8.10 8.61 2.62
C ARG A 330 -6.60 8.39 2.44
N ARG A 331 -6.18 8.36 1.17
N ARG A 331 -6.10 8.29 1.20
CA ARG A 331 -4.77 8.26 0.76
CA ARG A 331 -4.65 8.21 0.98
C ARG A 331 -4.34 9.45 -0.10
C ARG A 331 -4.16 9.37 0.12
N MET A 332 -5.23 9.91 -0.99
N MET A 332 -5.07 9.97 -0.68
CA MET A 332 -4.93 11.01 -1.92
CA MET A 332 -4.70 10.98 -1.67
C MET A 332 -5.37 12.34 -1.34
C MET A 332 -5.38 12.32 -1.42
N GLY A 333 -4.61 13.38 -1.61
CA GLY A 333 -5.08 14.73 -1.45
C GLY A 333 -4.84 15.30 -0.07
N LEU A 334 -4.10 14.63 0.80
CA LEU A 334 -3.82 15.07 2.15
C LEU A 334 -2.37 14.68 2.49
N THR A 335 -1.78 15.33 3.47
CA THR A 335 -0.47 14.94 3.93
C THR A 335 -0.50 13.76 4.90
N GLU A 336 0.65 13.15 5.11
CA GLU A 336 0.80 12.11 6.08
C GLU A 336 0.37 12.60 7.46
N PHE A 337 0.81 13.80 7.85
CA PHE A 337 0.40 14.38 9.11
C PHE A 337 -1.12 14.46 9.21
N GLN A 338 -1.79 14.99 8.19
N GLN A 338 -1.77 14.96 8.15
CA GLN A 338 -3.24 15.09 8.22
CA GLN A 338 -3.22 15.15 8.18
C GLN A 338 -3.89 13.70 8.35
C GLN A 338 -3.96 13.81 8.23
N ALA A 339 -3.41 12.75 7.57
CA ALA A 339 -3.99 11.43 7.66
C ALA A 339 -3.94 10.90 9.09
N VAL A 340 -2.79 10.96 9.76
CA VAL A 340 -2.67 10.38 11.09
C VAL A 340 -3.36 11.27 12.10
N LYS A 341 -3.40 12.56 11.90
CA LYS A 341 -4.16 13.46 12.76
C LYS A 341 -5.64 13.12 12.76
N GLU A 342 -6.23 12.86 11.60
CA GLU A 342 -7.65 12.59 11.58
C GLU A 342 -7.96 11.26 12.27
N MET A 343 -7.06 10.29 12.16
N MET A 343 -7.03 10.29 12.25
CA MET A 343 -7.20 9.08 12.92
CA MET A 343 -7.23 9.05 12.98
C MET A 343 -7.19 9.41 14.41
C MET A 343 -7.08 9.27 14.49
N GLN A 344 -6.17 10.15 14.89
CA GLN A 344 -6.06 10.50 16.29
C GLN A 344 -7.33 11.19 16.74
N ASP A 345 -7.72 12.26 16.05
CA ASP A 345 -8.86 13.04 16.47
C ASP A 345 -10.11 12.16 16.53
N GLY A 346 -10.29 11.23 15.60
CA GLY A 346 -11.46 10.40 15.51
C GLY A 346 -11.47 9.33 16.61
N ILE A 347 -10.33 8.74 16.91
CA ILE A 347 -10.31 7.77 17.99
C ILE A 347 -10.55 8.47 19.33
N LEU A 348 -9.99 9.66 19.55
CA LEU A 348 -10.22 10.41 20.78
C LEU A 348 -11.70 10.71 20.92
N GLU A 349 -12.36 11.07 19.83
CA GLU A 349 -13.79 11.41 19.87
C GLU A 349 -14.59 10.15 20.17
N LEU A 350 -14.30 9.04 19.52
CA LEU A 350 -15.01 7.79 19.80
C LEU A 350 -14.87 7.38 21.27
N ILE A 351 -13.68 7.55 21.85
CA ILE A 351 -13.50 7.20 23.24
C ILE A 351 -14.31 8.14 24.11
N LYS A 352 -14.32 9.45 23.84
CA LYS A 352 -15.13 10.38 24.61
C LYS A 352 -16.61 9.97 24.58
N ILE A 353 -17.11 9.60 23.38
CA ILE A 353 -18.50 9.21 23.26
C ILE A 353 -18.76 7.91 24.02
N GLU A 354 -17.88 6.92 23.88
CA GLU A 354 -18.06 5.65 24.60
C GLU A 354 -18.17 5.91 26.10
N LYS A 355 -17.27 6.72 26.65
CA LYS A 355 -17.33 7.04 28.08
C LYS A 355 -18.63 7.71 28.47
N SER A 356 -19.21 8.51 27.57
CA SER A 356 -20.43 9.24 27.86
C SER A 356 -21.69 8.36 27.80
N LEU A 357 -21.59 7.15 27.20
CA LEU A 357 -22.79 6.30 27.11
C LEU A 357 -23.03 5.48 28.39
#